data_7HRZ
#
_entry.id   7HRZ
#
_cell.length_a   98.947
_cell.length_b   98.976
_cell.length_c   128.083
_cell.angle_alpha   90.00
_cell.angle_beta   90.00
_cell.angle_gamma   90.00
#
_symmetry.space_group_name_H-M   'I 2 2 2'
#
loop_
_entity.id
_entity.type
_entity.pdbx_description
1 polymer 'Oleoyl-acyl carrier protein thioesterase 1, chloroplastic'
2 non-polymer N-(4-methylpyridin-3-yl)acetamide
3 non-polymer 'SULFATE ION'
4 water water
#
_entity_poly.entity_id   1
_entity_poly.type   'polypeptide(L)'
_entity_poly.pdbx_seq_one_letter_code
;MGSLTEDGLSYKEKFVVRSYEVGSNKTATVETIANLLQEVGCNHAQSVGFSTDGFATTTTMRKLHLIWVTARMHIEIYKY
PAWGDVVEIETWCQSEGRIGTRRDWILKDSVTGEVTGRATSKWVMMNQDTRRLQKVSDDVRDEYLVFCPQEPRLAFPEEN
NRSLKKIPKLEDPAQYSMIGLKPRRADLDMNQHVNNVTYIGWVLESIPQEIVDTHELQVITLDYRRECQQDDVVDSLTTT
TSEIGGTNGSATSGTQGHNDSQFLHLLRLSGDGQEINRGTTLWRKKPSSHHHHHH
;
_entity_poly.pdbx_strand_id   A,B
#
loop_
_chem_comp.id
_chem_comp.type
_chem_comp.name
_chem_comp.formula
SO4 non-polymer 'SULFATE ION' 'O4 S -2'
SZY non-polymer N-(4-methylpyridin-3-yl)acetamide 'C8 H10 N2 O'
#
# COMPACT_ATOMS: atom_id res chain seq x y z
N GLY A 2 -11.72 -13.00 -9.88
CA GLY A 2 -12.98 -12.28 -10.01
C GLY A 2 -13.71 -12.62 -11.28
N SER A 3 -15.00 -12.25 -11.34
CA SER A 3 -15.80 -12.52 -12.52
C SER A 3 -17.06 -11.69 -12.59
N LEU A 4 -17.52 -11.43 -13.83
CA LEU A 4 -18.82 -10.81 -14.06
C LEU A 4 -19.90 -11.80 -13.57
N THR A 5 -21.04 -11.29 -13.10
CA THR A 5 -22.14 -12.13 -12.66
C THR A 5 -22.84 -12.80 -13.89
N GLU A 6 -23.83 -13.67 -13.65
CA GLU A 6 -24.53 -14.36 -14.72
C GLU A 6 -25.11 -13.39 -15.79
N ASP A 7 -25.79 -12.32 -15.34
CA ASP A 7 -26.38 -11.37 -16.29
C ASP A 7 -25.34 -10.42 -16.97
N GLY A 8 -24.09 -10.43 -16.50
CA GLY A 8 -23.03 -9.59 -17.04
C GLY A 8 -23.19 -8.12 -16.74
N LEU A 9 -24.03 -7.77 -15.74
CA LEU A 9 -24.29 -6.37 -15.38
C LEU A 9 -23.61 -5.92 -14.07
N SER A 10 -22.83 -6.80 -13.43
CA SER A 10 -22.06 -6.47 -12.24
C SER A 10 -20.82 -7.41 -12.14
N TYR A 11 -19.91 -7.12 -11.21
CA TYR A 11 -18.67 -7.89 -11.10
C TYR A 11 -18.36 -8.24 -9.64
N LYS A 12 -17.95 -9.49 -9.37
CA LYS A 12 -17.60 -9.90 -7.99
C LYS A 12 -16.16 -10.35 -7.89
N GLU A 13 -15.53 -10.14 -6.75
CA GLU A 13 -14.16 -10.57 -6.52
C GLU A 13 -13.89 -10.77 -5.01
N LYS A 14 -13.12 -11.82 -4.69
CA LYS A 14 -12.76 -12.12 -3.32
C LYS A 14 -11.33 -11.69 -3.02
N PHE A 15 -11.09 -11.23 -1.81
CA PHE A 15 -9.78 -10.78 -1.37
C PHE A 15 -9.50 -11.34 0.01
N VAL A 16 -8.27 -11.81 0.22
CA VAL A 16 -7.86 -12.30 1.53
C VAL A 16 -7.11 -11.12 2.17
N VAL A 17 -7.53 -10.69 3.36
CA VAL A 17 -6.90 -9.55 4.02
C VAL A 17 -5.43 -9.85 4.44
N ARG A 18 -4.49 -9.03 3.96
CA ARG A 18 -3.04 -9.19 4.21
C ARG A 18 -2.53 -8.57 5.51
N SER A 19 -1.40 -9.10 6.04
CA SER A 19 -0.76 -8.62 7.27
C SER A 19 -0.46 -7.11 7.28
N TYR A 20 0.10 -6.57 6.17
CA TYR A 20 0.41 -5.14 6.09
C TYR A 20 -0.80 -4.24 5.81
N GLU A 21 -1.95 -4.83 5.51
CA GLU A 21 -3.19 -4.10 5.21
C GLU A 21 -4.01 -3.74 6.46
N VAL A 22 -3.64 -4.27 7.64
CA VAL A 22 -4.44 -4.03 8.86
C VAL A 22 -3.82 -3.01 9.82
N GLY A 23 -4.69 -2.36 10.59
CA GLY A 23 -4.30 -1.39 11.63
C GLY A 23 -4.11 -2.02 13.00
N SER A 24 -4.11 -1.21 14.06
N SER A 24 -4.10 -1.20 14.06
N SER A 24 -4.11 -1.21 14.06
CA SER A 24 -3.92 -1.62 15.46
CA SER A 24 -3.90 -1.63 15.45
CA SER A 24 -3.92 -1.62 15.46
C SER A 24 -4.93 -2.65 15.93
C SER A 24 -4.94 -2.62 15.96
C SER A 24 -4.93 -2.65 15.93
N ASN A 25 -6.15 -2.60 15.40
CA ASN A 25 -7.22 -3.54 15.77
C ASN A 25 -7.10 -4.92 15.06
N LYS A 26 -6.05 -5.12 14.24
CA LYS A 26 -5.87 -6.33 13.44
C LYS A 26 -6.99 -6.53 12.39
N THR A 27 -7.62 -5.41 11.95
CA THR A 27 -8.65 -5.39 10.91
C THR A 27 -8.25 -4.39 9.81
N ALA A 28 -8.75 -4.59 8.57
CA ALA A 28 -8.39 -3.77 7.42
C ALA A 28 -8.61 -2.28 7.65
N THR A 29 -7.66 -1.43 7.25
CA THR A 29 -7.87 0.02 7.38
C THR A 29 -8.90 0.48 6.30
N VAL A 30 -9.46 1.69 6.45
CA VAL A 30 -10.36 2.23 5.44
C VAL A 30 -9.59 2.49 4.12
N GLU A 31 -8.26 2.70 4.19
CA GLU A 31 -7.45 2.89 2.98
C GLU A 31 -7.30 1.58 2.26
N THR A 32 -7.17 0.45 2.99
CA THR A 32 -7.14 -0.89 2.38
C THR A 32 -8.48 -1.14 1.69
N ILE A 33 -9.61 -0.85 2.38
CA ILE A 33 -10.94 -0.99 1.80
C ILE A 33 -11.06 -0.19 0.49
N ALA A 34 -10.68 1.10 0.52
CA ALA A 34 -10.73 1.98 -0.64
C ALA A 34 -9.85 1.47 -1.78
N ASN A 35 -8.64 0.91 -1.50
CA ASN A 35 -7.78 0.32 -2.53
C ASN A 35 -8.47 -0.90 -3.18
N LEU A 36 -9.13 -1.74 -2.37
CA LEU A 36 -9.83 -2.94 -2.88
C LEU A 36 -11.03 -2.54 -3.76
N LEU A 37 -11.77 -1.48 -3.38
CA LEU A 37 -12.89 -0.99 -4.20
C LEU A 37 -12.36 -0.57 -5.61
N GLN A 38 -11.25 0.16 -5.62
CA GLN A 38 -10.57 0.65 -6.82
C GLN A 38 -10.09 -0.52 -7.65
N GLU A 39 -9.50 -1.55 -7.01
CA GLU A 39 -9.06 -2.76 -7.71
C GLU A 39 -10.23 -3.55 -8.35
N VAL A 40 -11.35 -3.73 -7.62
CA VAL A 40 -12.50 -4.45 -8.20
C VAL A 40 -13.11 -3.61 -9.37
N GLY A 41 -13.09 -2.28 -9.23
CA GLY A 41 -13.54 -1.35 -10.27
C GLY A 41 -12.73 -1.51 -11.54
N CYS A 42 -11.38 -1.59 -11.40
N CYS A 42 -11.41 -1.60 -11.39
N CYS A 42 -11.38 -1.59 -11.40
CA CYS A 42 -10.48 -1.78 -12.52
CA CYS A 42 -10.50 -1.77 -12.50
CA CYS A 42 -10.48 -1.78 -12.52
C CYS A 42 -10.70 -3.12 -13.21
C CYS A 42 -10.70 -3.12 -13.20
C CYS A 42 -10.70 -3.12 -13.21
N ASN A 43 -10.95 -4.18 -12.43
CA ASN A 43 -11.17 -5.53 -12.97
C ASN A 43 -12.51 -5.62 -13.71
N HIS A 44 -13.53 -4.89 -13.24
CA HIS A 44 -14.82 -4.84 -13.90
C HIS A 44 -14.65 -4.16 -15.30
N ALA A 45 -13.97 -3.00 -15.35
CA ALA A 45 -13.69 -2.27 -16.59
C ALA A 45 -12.92 -3.15 -17.61
N GLN A 46 -11.88 -3.86 -17.17
CA GLN A 46 -11.11 -4.73 -18.04
C GLN A 46 -11.94 -5.91 -18.58
N SER A 47 -12.82 -6.48 -17.74
N SER A 47 -12.82 -6.49 -17.74
N SER A 47 -12.82 -6.48 -17.74
CA SER A 47 -13.65 -7.62 -18.10
CA SER A 47 -13.64 -7.64 -18.13
CA SER A 47 -13.65 -7.62 -18.10
C SER A 47 -14.63 -7.33 -19.24
C SER A 47 -14.61 -7.33 -19.27
C SER A 47 -14.63 -7.33 -19.24
N VAL A 48 -15.00 -6.06 -19.43
CA VAL A 48 -15.94 -5.68 -20.50
C VAL A 48 -15.30 -4.84 -21.62
N GLY A 49 -13.97 -4.81 -21.69
CA GLY A 49 -13.25 -4.16 -22.78
C GLY A 49 -12.81 -2.71 -22.65
N PHE A 50 -12.96 -2.07 -21.48
CA PHE A 50 -12.52 -0.68 -21.33
C PHE A 50 -11.04 -0.58 -20.94
N SER A 51 -10.47 0.66 -20.93
CA SER A 51 -9.07 0.86 -20.54
C SER A 51 -8.85 0.51 -19.05
N ALA A 56 -11.32 3.84 -17.46
CA ALA A 56 -12.57 3.33 -18.01
C ALA A 56 -12.97 4.12 -19.27
N THR A 57 -12.00 4.49 -20.10
CA THR A 57 -12.24 5.28 -21.29
C THR A 57 -12.85 4.45 -22.42
N THR A 58 -13.89 5.00 -23.04
CA THR A 58 -14.54 4.36 -24.20
C THR A 58 -13.74 4.69 -25.50
N THR A 59 -14.21 4.27 -26.68
CA THR A 59 -13.51 4.54 -27.93
C THR A 59 -13.57 6.02 -28.27
N THR A 60 -14.75 6.65 -28.08
CA THR A 60 -14.91 8.07 -28.35
C THR A 60 -14.04 8.90 -27.41
N MET A 61 -14.02 8.52 -26.11
CA MET A 61 -13.22 9.21 -25.12
C MET A 61 -11.74 9.27 -25.47
N ARG A 62 -11.13 8.15 -25.89
CA ARG A 62 -9.71 8.14 -26.25
C ARG A 62 -9.40 9.02 -27.48
N LYS A 63 -10.37 9.16 -28.39
CA LYS A 63 -10.24 9.98 -29.58
C LYS A 63 -10.27 11.47 -29.17
N LEU A 64 -11.19 11.83 -28.26
CA LEU A 64 -11.35 13.22 -27.82
C LEU A 64 -10.56 13.63 -26.59
N HIS A 65 -9.59 12.79 -26.16
CA HIS A 65 -8.77 13.03 -24.97
C HIS A 65 -9.62 13.24 -23.70
N LEU A 66 -10.66 12.42 -23.52
CA LEU A 66 -11.56 12.50 -22.36
C LEU A 66 -11.31 11.38 -21.36
N ILE A 67 -11.48 11.67 -20.06
CA ILE A 67 -11.31 10.70 -18.97
C ILE A 67 -12.42 10.83 -17.91
N TRP A 68 -12.65 9.75 -17.16
CA TRP A 68 -13.56 9.79 -16.02
C TRP A 68 -12.72 10.17 -14.81
N VAL A 69 -13.18 11.11 -14.01
CA VAL A 69 -12.49 11.51 -12.80
C VAL A 69 -13.47 11.46 -11.61
N THR A 70 -13.00 11.11 -10.41
CA THR A 70 -13.86 11.03 -9.23
C THR A 70 -14.19 12.44 -8.69
N ALA A 71 -15.48 12.70 -8.52
CA ALA A 71 -15.96 13.94 -7.92
C ALA A 71 -16.26 13.70 -6.42
N ARG A 72 -16.80 12.53 -6.08
CA ARG A 72 -17.15 12.19 -4.70
C ARG A 72 -17.02 10.70 -4.45
N MET A 73 -16.59 10.36 -3.24
CA MET A 73 -16.49 8.98 -2.74
C MET A 73 -17.24 8.96 -1.36
N HIS A 74 -18.11 7.99 -1.16
CA HIS A 74 -18.85 7.83 0.11
C HIS A 74 -18.77 6.36 0.51
N ILE A 75 -18.23 6.09 1.72
CA ILE A 75 -18.07 4.72 2.18
C ILE A 75 -18.66 4.56 3.60
N GLU A 76 -19.41 3.47 3.82
CA GLU A 76 -19.95 3.12 5.13
C GLU A 76 -19.53 1.69 5.48
N ILE A 77 -18.81 1.52 6.59
CA ILE A 77 -18.37 0.22 7.03
C ILE A 77 -19.05 -0.16 8.35
N TYR A 78 -19.67 -1.36 8.40
CA TYR A 78 -20.30 -1.91 9.62
C TYR A 78 -19.28 -2.77 10.35
N LYS A 79 -18.49 -3.58 9.62
CA LYS A 79 -17.45 -4.43 10.22
C LYS A 79 -16.22 -4.42 9.30
N TYR A 80 -15.04 -4.13 9.83
CA TYR A 80 -13.80 -4.18 9.04
C TYR A 80 -13.31 -5.64 9.07
N PRO A 81 -12.96 -6.22 7.92
CA PRO A 81 -12.55 -7.63 7.92
C PRO A 81 -11.23 -7.82 8.64
N ALA A 82 -11.12 -8.90 9.42
CA ALA A 82 -9.91 -9.18 10.16
C ALA A 82 -8.82 -9.73 9.24
N TRP A 83 -7.56 -9.66 9.70
CA TRP A 83 -6.38 -10.20 9.03
C TRP A 83 -6.60 -11.71 8.74
N GLY A 84 -6.49 -12.08 7.48
CA GLY A 84 -6.70 -13.46 7.05
C GLY A 84 -8.12 -13.75 6.62
N ASP A 85 -9.07 -12.83 6.86
CA ASP A 85 -10.46 -13.03 6.44
C ASP A 85 -10.63 -12.81 4.94
N VAL A 86 -11.66 -13.43 4.37
CA VAL A 86 -11.98 -13.30 2.96
C VAL A 86 -13.18 -12.35 2.85
N VAL A 87 -13.02 -11.27 2.10
CA VAL A 87 -14.10 -10.31 1.87
C VAL A 87 -14.52 -10.43 0.38
N GLU A 88 -15.84 -10.42 0.10
CA GLU A 88 -16.31 -10.46 -1.28
C GLU A 88 -16.89 -9.11 -1.65
N ILE A 89 -16.44 -8.53 -2.76
CA ILE A 89 -16.92 -7.22 -3.17
C ILE A 89 -17.64 -7.30 -4.50
N GLU A 90 -18.87 -6.79 -4.54
CA GLU A 90 -19.63 -6.73 -5.79
C GLU A 90 -19.72 -5.25 -6.25
N THR A 91 -19.47 -4.99 -7.53
CA THR A 91 -19.50 -3.63 -8.06
C THR A 91 -20.30 -3.53 -9.38
N TRP A 92 -20.92 -2.38 -9.60
CA TRP A 92 -21.69 -2.11 -10.79
C TRP A 92 -21.71 -0.60 -11.07
N CYS A 93 -22.04 -0.24 -12.30
CA CYS A 93 -22.10 1.16 -12.70
C CYS A 93 -23.47 1.55 -13.18
N GLN A 94 -23.75 2.85 -13.15
CA GLN A 94 -25.01 3.36 -13.63
C GLN A 94 -24.83 4.76 -14.19
N SER A 95 -25.53 5.03 -15.26
CA SER A 95 -25.50 6.34 -15.90
C SER A 95 -26.39 7.28 -15.07
N GLU A 96 -25.93 8.53 -14.89
CA GLU A 96 -26.69 9.57 -14.20
C GLU A 96 -26.95 10.70 -15.19
N GLY A 97 -27.44 10.34 -16.37
CA GLY A 97 -27.70 11.29 -17.44
C GLY A 97 -26.44 11.98 -17.91
N ARG A 98 -26.55 13.27 -18.23
CA ARG A 98 -25.41 14.04 -18.70
C ARG A 98 -24.52 14.59 -17.57
N ILE A 99 -24.91 14.38 -16.30
CA ILE A 99 -24.11 14.82 -15.16
C ILE A 99 -22.82 13.99 -15.05
N GLY A 100 -22.92 12.70 -15.31
CA GLY A 100 -21.79 11.80 -15.24
C GLY A 100 -22.24 10.38 -14.99
N THR A 101 -21.39 9.58 -14.35
CA THR A 101 -21.67 8.20 -14.04
C THR A 101 -21.53 7.96 -12.51
N ARG A 102 -21.97 6.80 -12.05
CA ARG A 102 -21.89 6.41 -10.65
C ARG A 102 -21.40 4.97 -10.56
N ARG A 103 -20.46 4.71 -9.64
CA ARG A 103 -20.04 3.33 -9.41
C ARG A 103 -20.41 3.00 -7.97
N ASP A 104 -21.06 1.83 -7.75
CA ASP A 104 -21.46 1.38 -6.42
C ASP A 104 -20.79 0.07 -6.03
N TRP A 105 -20.65 -0.18 -4.73
CA TRP A 105 -20.08 -1.40 -4.22
C TRP A 105 -20.84 -1.91 -3.00
N ILE A 106 -20.83 -3.24 -2.82
CA ILE A 106 -21.38 -3.93 -1.66
C ILE A 106 -20.26 -4.85 -1.17
N LEU A 107 -19.93 -4.76 0.10
CA LEU A 107 -18.89 -5.60 0.70
C LEU A 107 -19.57 -6.65 1.57
N LYS A 108 -19.15 -7.91 1.47
CA LYS A 108 -19.72 -8.98 2.26
C LYS A 108 -18.65 -9.87 2.90
N ASP A 109 -18.98 -10.48 4.03
CA ASP A 109 -18.12 -11.48 4.67
C ASP A 109 -18.38 -12.76 3.85
N SER A 110 -17.32 -13.38 3.34
CA SER A 110 -17.44 -14.56 2.49
C SER A 110 -18.00 -15.78 3.23
N VAL A 111 -17.70 -15.91 4.53
CA VAL A 111 -18.16 -17.04 5.32
C VAL A 111 -19.63 -16.91 5.72
N THR A 112 -20.04 -15.75 6.23
CA THR A 112 -21.40 -15.56 6.70
C THR A 112 -22.38 -15.08 5.62
N GLY A 113 -21.87 -14.41 4.60
CA GLY A 113 -22.70 -13.84 3.55
C GLY A 113 -23.34 -12.51 3.94
N GLU A 114 -23.00 -11.98 5.12
CA GLU A 114 -23.59 -10.72 5.59
C GLU A 114 -22.91 -9.49 5.01
N VAL A 115 -23.71 -8.44 4.76
CA VAL A 115 -23.21 -7.17 4.26
C VAL A 115 -22.41 -6.48 5.38
N THR A 116 -21.13 -6.24 5.15
CA THR A 116 -20.28 -5.61 6.15
C THR A 116 -19.87 -4.16 5.79
N GLY A 117 -20.26 -3.70 4.60
CA GLY A 117 -19.96 -2.36 4.14
C GLY A 117 -20.61 -2.06 2.80
N ARG A 118 -20.63 -0.78 2.42
CA ARG A 118 -21.18 -0.35 1.16
C ARG A 118 -20.56 0.98 0.75
N ALA A 119 -20.41 1.18 -0.56
CA ALA A 119 -19.82 2.41 -1.05
C ALA A 119 -20.45 2.88 -2.35
N THR A 120 -20.35 4.19 -2.58
CA THR A 120 -20.89 4.80 -3.78
C THR A 120 -19.95 5.94 -4.18
N SER A 121 -19.77 6.13 -5.48
CA SER A 121 -18.89 7.18 -5.99
C SER A 121 -19.48 7.84 -7.23
N LYS A 122 -19.29 9.15 -7.35
CA LYS A 122 -19.73 9.94 -8.50
C LYS A 122 -18.51 10.31 -9.35
N TRP A 123 -18.61 10.10 -10.66
CA TRP A 123 -17.56 10.36 -11.62
C TRP A 123 -18.04 11.37 -12.68
N VAL A 124 -17.17 12.30 -13.09
CA VAL A 124 -17.49 13.29 -14.12
C VAL A 124 -16.52 13.19 -15.32
N MET A 125 -16.97 13.61 -16.49
CA MET A 125 -16.13 13.58 -17.69
C MET A 125 -15.27 14.83 -17.73
N MET A 126 -13.99 14.69 -18.07
CA MET A 126 -13.06 15.80 -18.09
C MET A 126 -12.07 15.66 -19.24
N ASN A 127 -11.65 16.80 -19.85
CA ASN A 127 -10.63 16.72 -20.89
C ASN A 127 -9.31 16.54 -20.13
N GLN A 128 -8.54 15.52 -20.50
CA GLN A 128 -7.26 15.15 -19.90
C GLN A 128 -6.23 16.29 -19.85
N ASP A 129 -6.21 17.12 -20.89
CA ASP A 129 -5.21 18.19 -21.05
C ASP A 129 -5.64 19.53 -20.45
N THR A 130 -6.81 20.04 -20.83
CA THR A 130 -7.28 21.34 -20.33
C THR A 130 -7.90 21.30 -18.95
N ARG A 131 -8.27 20.09 -18.46
CA ARG A 131 -8.94 19.90 -17.17
C ARG A 131 -10.36 20.47 -17.16
N ARG A 132 -10.99 20.68 -18.34
CA ARG A 132 -12.32 21.24 -18.41
C ARG A 132 -13.39 20.17 -18.34
N LEU A 133 -14.25 20.28 -17.32
CA LEU A 133 -15.34 19.34 -17.12
C LEU A 133 -16.37 19.54 -18.19
N GLN A 134 -17.00 18.46 -18.65
CA GLN A 134 -18.03 18.53 -19.66
C GLN A 134 -19.10 17.47 -19.45
N LYS A 135 -20.31 17.74 -19.94
CA LYS A 135 -21.42 16.82 -19.83
C LYS A 135 -21.21 15.57 -20.67
N VAL A 136 -21.89 14.48 -20.33
CA VAL A 136 -21.77 13.23 -21.07
C VAL A 136 -22.57 13.30 -22.38
N SER A 137 -21.89 13.15 -23.51
CA SER A 137 -22.55 13.18 -24.82
C SER A 137 -23.25 11.85 -25.11
N ASP A 138 -24.27 11.87 -25.99
CA ASP A 138 -24.99 10.65 -26.37
C ASP A 138 -24.10 9.57 -26.98
N ASP A 139 -23.12 9.94 -27.81
CA ASP A 139 -22.22 8.98 -28.45
C ASP A 139 -21.43 8.16 -27.42
N VAL A 140 -21.01 8.81 -26.32
CA VAL A 140 -20.27 8.15 -25.25
C VAL A 140 -21.22 7.31 -24.41
N ARG A 141 -22.38 7.90 -24.05
CA ARG A 141 -23.43 7.28 -23.23
C ARG A 141 -23.94 5.96 -23.77
N ASP A 142 -24.02 5.82 -25.10
CA ASP A 142 -24.48 4.58 -25.71
C ASP A 142 -23.41 3.48 -25.70
N GLU A 143 -22.12 3.85 -25.62
CA GLU A 143 -21.02 2.89 -25.56
C GLU A 143 -20.92 2.18 -24.21
N TYR A 144 -21.40 2.81 -23.11
CA TYR A 144 -21.27 2.15 -21.80
C TYR A 144 -22.61 1.72 -21.19
N LEU A 145 -23.75 2.14 -21.74
CA LEU A 145 -25.07 1.76 -21.18
C LEU A 145 -25.38 0.28 -21.31
N VAL A 146 -24.80 -0.40 -22.28
CA VAL A 146 -24.98 -1.85 -22.44
C VAL A 146 -24.28 -2.68 -21.33
N PHE A 147 -23.49 -2.04 -20.47
CA PHE A 147 -22.81 -2.71 -19.35
C PHE A 147 -23.40 -2.33 -17.97
N CYS A 148 -24.47 -1.55 -17.94
CA CYS A 148 -25.13 -1.06 -16.73
C CYS A 148 -26.50 -1.70 -16.53
N PRO A 149 -26.98 -1.88 -15.27
CA PRO A 149 -28.38 -2.34 -15.09
C PRO A 149 -29.32 -1.22 -15.61
N GLN A 150 -30.41 -1.59 -16.28
CA GLN A 150 -31.33 -0.59 -16.85
C GLN A 150 -32.24 0.02 -15.77
N GLU A 151 -32.74 -0.82 -14.86
CA GLU A 151 -33.52 -0.33 -13.72
C GLU A 151 -32.51 0.18 -12.65
N PRO A 152 -32.85 1.20 -11.85
CA PRO A 152 -31.89 1.69 -10.85
C PRO A 152 -31.56 0.67 -9.78
N ARG A 153 -30.25 0.53 -9.51
CA ARG A 153 -29.72 -0.38 -8.50
C ARG A 153 -28.82 0.50 -7.61
N LEU A 154 -29.23 0.73 -6.37
CA LEU A 154 -28.52 1.64 -5.49
C LEU A 154 -27.95 1.00 -4.24
N ALA A 155 -26.66 1.24 -3.97
CA ALA A 155 -26.05 0.78 -2.73
C ALA A 155 -26.62 1.58 -1.54
N PHE A 156 -26.99 2.84 -1.75
CA PHE A 156 -27.61 3.70 -0.76
C PHE A 156 -28.97 4.15 -1.30
N PRO A 157 -29.99 3.30 -1.19
CA PRO A 157 -31.30 3.65 -1.75
C PRO A 157 -32.12 4.68 -0.94
N GLU A 158 -32.11 4.60 0.40
CA GLU A 158 -32.87 5.49 1.32
C GLU A 158 -33.15 6.93 0.78
N GLU A 159 -34.27 7.52 1.23
CA GLU A 159 -34.72 8.85 0.81
C GLU A 159 -33.81 10.02 1.18
N ASN A 160 -33.26 10.03 2.39
CA ASN A 160 -32.38 11.13 2.83
C ASN A 160 -31.03 10.58 3.31
N ASN A 161 -30.33 9.85 2.44
CA ASN A 161 -29.06 9.22 2.81
C ASN A 161 -27.88 10.18 2.89
N ARG A 162 -26.86 9.79 3.66
CA ARG A 162 -25.64 10.57 3.88
C ARG A 162 -24.78 10.74 2.62
N SER A 163 -24.93 9.85 1.63
CA SER A 163 -24.15 9.88 0.38
C SER A 163 -24.40 11.07 -0.52
N LEU A 164 -25.54 11.76 -0.36
CA LEU A 164 -25.87 12.92 -1.21
C LEU A 164 -25.92 14.26 -0.43
N LYS A 165 -25.38 14.30 0.79
CA LYS A 165 -25.44 15.52 1.60
C LYS A 165 -24.44 16.58 1.13
N LYS A 166 -24.80 17.87 1.26
CA LYS A 166 -23.92 18.95 0.87
C LYS A 166 -22.87 19.15 1.98
N ILE A 167 -21.57 19.28 1.62
CA ILE A 167 -20.52 19.46 2.63
C ILE A 167 -20.05 20.92 2.67
N PRO A 168 -20.07 21.57 3.86
CA PRO A 168 -19.62 22.97 3.93
C PRO A 168 -18.10 23.13 4.00
N LYS A 169 -17.64 24.38 3.80
CA LYS A 169 -16.22 24.66 3.84
C LYS A 169 -15.80 24.99 5.26
N LEU A 170 -14.81 24.27 5.78
CA LEU A 170 -14.28 24.46 7.12
C LEU A 170 -13.74 25.92 7.25
N GLU A 171 -14.10 26.61 8.34
CA GLU A 171 -13.64 27.98 8.56
C GLU A 171 -12.45 28.02 9.52
N ASP A 172 -11.46 28.86 9.21
CA ASP A 172 -10.30 29.03 10.07
C ASP A 172 -10.71 29.79 11.35
N PRO A 173 -10.15 29.44 12.53
CA PRO A 173 -9.12 28.42 12.74
C PRO A 173 -9.66 26.98 12.90
N ALA A 174 -8.93 25.99 12.37
CA ALA A 174 -9.30 24.59 12.49
C ALA A 174 -9.01 24.12 13.93
N GLN A 175 -9.77 23.13 14.44
CA GLN A 175 -9.50 22.62 15.77
C GLN A 175 -8.20 21.81 15.78
N TYR A 176 -8.00 20.99 14.73
CA TYR A 176 -6.82 20.16 14.57
C TYR A 176 -6.22 20.32 13.16
N SER A 177 -4.94 20.01 13.00
CA SER A 177 -4.28 20.11 11.71
C SER A 177 -3.03 19.23 11.62
N MET A 178 -2.72 18.80 10.41
CA MET A 178 -1.51 18.05 10.09
C MET A 178 -0.96 18.77 8.86
N ILE A 179 0.20 19.38 9.01
CA ILE A 179 0.84 20.27 8.02
C ILE A 179 1.99 19.65 7.21
N GLY A 180 2.20 20.14 5.99
CA GLY A 180 3.34 19.71 5.19
C GLY A 180 3.30 18.29 4.65
N LEU A 181 2.10 17.75 4.39
CA LEU A 181 1.96 16.40 3.82
C LEU A 181 2.38 16.40 2.32
N LYS A 182 3.28 15.48 1.93
CA LYS A 182 3.74 15.40 0.53
C LYS A 182 3.61 13.96 0.04
N PRO A 183 3.19 13.75 -1.22
CA PRO A 183 3.13 12.38 -1.74
C PRO A 183 4.51 11.83 -2.10
N ARG A 184 4.74 10.55 -1.86
CA ARG A 184 5.97 9.89 -2.31
C ARG A 184 5.61 9.01 -3.55
N ARG A 185 6.59 8.33 -4.16
CA ARG A 185 6.31 7.54 -5.37
C ARG A 185 5.28 6.44 -5.15
N ALA A 186 5.24 5.81 -3.96
CA ALA A 186 4.21 4.81 -3.67
C ALA A 186 2.79 5.40 -3.68
N ASP A 187 2.63 6.73 -3.50
CA ASP A 187 1.31 7.37 -3.54
C ASP A 187 0.80 7.66 -4.99
N LEU A 188 1.63 7.46 -5.99
CA LEU A 188 1.25 7.74 -7.38
C LEU A 188 0.74 6.48 -8.08
N ASP A 189 -0.19 6.64 -9.02
CA ASP A 189 -0.68 5.50 -9.81
C ASP A 189 0.22 5.29 -11.06
N MET A 190 -0.15 4.36 -11.97
CA MET A 190 0.62 4.10 -13.17
C MET A 190 0.74 5.32 -14.11
N ASN A 191 -0.17 6.30 -14.04
CA ASN A 191 -0.08 7.53 -14.87
C ASN A 191 0.66 8.68 -14.19
N GLN A 192 1.28 8.42 -13.00
CA GLN A 192 2.04 9.39 -12.18
C GLN A 192 1.15 10.46 -11.54
N HIS A 193 -0.13 10.17 -11.38
CA HIS A 193 -1.08 11.04 -10.70
C HIS A 193 -1.25 10.51 -9.27
N VAL A 194 -1.54 11.39 -8.29
CA VAL A 194 -1.74 10.96 -6.91
C VAL A 194 -2.99 10.05 -6.85
N ASN A 195 -2.86 8.85 -6.24
CA ASN A 195 -3.95 7.89 -6.09
C ASN A 195 -5.05 8.51 -5.22
N ASN A 196 -6.33 8.33 -5.61
CA ASN A 196 -7.48 8.87 -4.85
C ASN A 196 -7.51 8.47 -3.39
N VAL A 197 -6.96 7.29 -3.05
CA VAL A 197 -6.92 6.75 -1.71
C VAL A 197 -5.98 7.52 -0.80
N THR A 198 -4.88 8.07 -1.35
CA THR A 198 -3.92 8.91 -0.58
C THR A 198 -4.66 10.09 0.06
N TYR A 199 -5.62 10.71 -0.67
CA TYR A 199 -6.37 11.85 -0.11
C TYR A 199 -7.17 11.43 1.13
N ILE A 200 -7.70 10.19 1.14
CA ILE A 200 -8.43 9.64 2.29
C ILE A 200 -7.46 9.57 3.49
N GLY A 201 -6.25 9.06 3.25
CA GLY A 201 -5.24 9.01 4.30
C GLY A 201 -4.85 10.39 4.84
N TRP A 202 -4.66 11.35 3.94
CA TRP A 202 -4.32 12.72 4.33
C TRP A 202 -5.41 13.37 5.17
N VAL A 203 -6.70 13.15 4.80
CA VAL A 203 -7.85 13.67 5.59
C VAL A 203 -7.79 13.14 7.03
N LEU A 204 -7.58 11.81 7.16
CA LEU A 204 -7.53 11.11 8.43
C LEU A 204 -6.33 11.47 9.31
N GLU A 205 -5.25 11.98 8.70
CA GLU A 205 -4.06 12.40 9.44
C GLU A 205 -4.32 13.51 10.48
N SER A 206 -5.31 14.40 10.25
CA SER A 206 -5.60 15.45 11.22
C SER A 206 -6.58 15.00 12.33
N ILE A 207 -7.07 13.75 12.32
CA ILE A 207 -7.91 13.23 13.40
C ILE A 207 -6.95 12.88 14.54
N PRO A 208 -7.20 13.33 15.79
CA PRO A 208 -6.28 12.98 16.88
C PRO A 208 -6.19 11.47 17.12
N GLN A 209 -5.02 10.99 17.52
CA GLN A 209 -4.76 9.58 17.75
C GLN A 209 -5.68 8.97 18.81
N GLU A 210 -6.12 9.76 19.82
CA GLU A 210 -7.04 9.29 20.86
C GLU A 210 -8.41 8.93 20.28
N ILE A 211 -8.88 9.65 19.26
CA ILE A 211 -10.14 9.30 18.60
C ILE A 211 -9.96 7.99 17.86
N VAL A 212 -8.84 7.82 17.15
CA VAL A 212 -8.58 6.58 16.41
C VAL A 212 -8.42 5.37 17.36
N ASP A 213 -7.79 5.58 18.52
CA ASP A 213 -7.57 4.54 19.53
C ASP A 213 -8.85 4.08 20.26
N THR A 214 -9.88 4.95 20.37
CA THR A 214 -11.12 4.63 21.10
C THR A 214 -12.38 4.55 20.23
N HIS A 215 -12.28 4.97 18.97
CA HIS A 215 -13.43 4.96 18.07
C HIS A 215 -13.14 4.17 16.81
N GLU A 216 -14.20 3.76 16.14
CA GLU A 216 -14.08 3.12 14.85
C GLU A 216 -14.75 4.02 13.82
N LEU A 217 -14.11 4.18 12.66
CA LEU A 217 -14.67 5.00 11.59
C LEU A 217 -15.87 4.26 10.98
N GLN A 218 -17.04 4.88 10.99
CA GLN A 218 -18.24 4.27 10.42
C GLN A 218 -18.54 4.80 9.01
N VAL A 219 -18.44 6.12 8.79
CA VAL A 219 -18.78 6.74 7.51
C VAL A 219 -17.74 7.79 7.12
N ILE A 220 -17.41 7.87 5.82
CA ILE A 220 -16.53 8.90 5.28
C ILE A 220 -17.10 9.37 3.93
N THR A 221 -17.30 10.67 3.77
CA THR A 221 -17.76 11.27 2.52
C THR A 221 -16.66 12.25 2.11
N LEU A 222 -16.17 12.12 0.89
CA LEU A 222 -15.09 12.96 0.42
C LEU A 222 -15.39 13.54 -0.96
N ASP A 223 -15.32 14.88 -1.08
CA ASP A 223 -15.44 15.62 -2.33
C ASP A 223 -14.03 15.89 -2.86
N TYR A 224 -13.83 15.71 -4.16
CA TYR A 224 -12.57 15.93 -4.86
C TYR A 224 -12.77 17.18 -5.75
N ARG A 225 -12.13 18.28 -5.39
CA ARG A 225 -12.26 19.56 -6.09
C ARG A 225 -11.16 19.78 -7.14
N ARG A 226 -9.90 19.53 -6.78
CA ARG A 226 -8.70 19.67 -7.62
C ARG A 226 -7.72 18.59 -7.21
N GLU A 227 -6.80 18.24 -8.10
CA GLU A 227 -5.80 17.23 -7.75
C GLU A 227 -4.51 17.85 -7.16
N CYS A 228 -3.81 17.03 -6.37
CA CYS A 228 -2.54 17.39 -5.77
C CYS A 228 -1.49 16.86 -6.73
N GLN A 229 -0.57 17.73 -7.15
CA GLN A 229 0.49 17.32 -8.06
C GLN A 229 1.60 16.65 -7.25
N GLN A 230 2.49 15.92 -7.93
CA GLN A 230 3.60 15.24 -7.32
C GLN A 230 4.52 16.18 -6.51
N ASP A 231 4.70 17.43 -6.95
CA ASP A 231 5.56 18.37 -6.24
C ASP A 231 4.77 19.35 -5.31
N ASP A 232 3.48 19.09 -5.08
CA ASP A 232 2.65 19.91 -4.19
C ASP A 232 2.78 19.46 -2.70
N VAL A 233 2.39 20.34 -1.79
CA VAL A 233 2.43 20.12 -0.33
C VAL A 233 1.02 20.46 0.18
N VAL A 234 0.49 19.63 1.07
CA VAL A 234 -0.88 19.73 1.55
C VAL A 234 -0.96 19.90 3.06
N ASP A 235 -1.98 20.64 3.49
CA ASP A 235 -2.34 20.83 4.88
C ASP A 235 -3.70 20.17 5.07
N SER A 236 -3.82 19.36 6.13
CA SER A 236 -5.04 18.63 6.48
C SER A 236 -5.68 19.27 7.72
N LEU A 237 -6.92 19.71 7.60
CA LEU A 237 -7.60 20.43 8.67
C LEU A 237 -8.87 19.69 9.10
N THR A 238 -9.13 19.64 10.42
CA THR A 238 -10.29 18.96 10.99
C THR A 238 -10.90 19.76 12.16
N THR A 239 -12.24 19.84 12.22
CA THR A 239 -12.97 20.48 13.29
C THR A 239 -14.12 19.54 13.71
N THR A 240 -14.28 19.30 15.02
CA THR A 240 -15.38 18.46 15.52
C THR A 240 -16.70 19.21 15.30
N THR A 241 -17.71 18.55 14.75
CA THR A 241 -19.03 19.19 14.57
C THR A 241 -20.12 18.62 15.48
N SER A 242 -19.85 17.52 16.20
CA SER A 242 -20.85 16.93 17.08
C SER A 242 -20.94 17.63 18.44
N ASN A 259 -22.56 10.00 22.01
CA ASN A 259 -21.89 8.75 21.72
C ASN A 259 -21.07 8.85 20.41
N ASP A 260 -21.70 9.27 19.30
CA ASP A 260 -20.99 9.38 18.03
C ASP A 260 -20.15 10.66 17.96
N SER A 261 -19.09 10.65 17.14
CA SER A 261 -18.26 11.83 16.93
C SER A 261 -18.28 12.12 15.42
N GLN A 262 -18.61 13.34 15.05
CA GLN A 262 -18.62 13.76 13.66
C GLN A 262 -17.56 14.85 13.46
N PHE A 263 -16.87 14.83 12.32
CA PHE A 263 -15.84 15.82 12.02
C PHE A 263 -16.06 16.42 10.64
N LEU A 264 -15.64 17.67 10.46
CA LEU A 264 -15.64 18.37 9.19
C LEU A 264 -14.16 18.46 8.77
N HIS A 265 -13.86 18.19 7.50
CA HIS A 265 -12.48 18.11 7.02
C HIS A 265 -12.22 18.99 5.81
N LEU A 266 -10.98 19.45 5.66
CA LEU A 266 -10.51 20.26 4.54
C LEU A 266 -9.04 20.00 4.22
N LEU A 267 -8.74 19.65 2.96
CA LEU A 267 -7.37 19.51 2.48
C LEU A 267 -7.15 20.71 1.55
N ARG A 268 -6.07 21.44 1.75
CA ARG A 268 -5.73 22.60 0.93
C ARG A 268 -4.21 22.66 0.71
N LEU A 269 -3.77 23.28 -0.40
CA LEU A 269 -2.34 23.41 -0.69
C LEU A 269 -1.67 24.30 0.35
N SER A 270 -0.50 23.90 0.86
CA SER A 270 0.25 24.56 1.94
C SER A 270 0.55 26.04 1.74
N GLY A 271 0.80 26.42 0.51
CA GLY A 271 1.15 27.80 0.20
C GLY A 271 -0.04 28.71 0.11
N ASP A 272 -0.65 28.77 -1.08
CA ASP A 272 -1.78 29.64 -1.38
C ASP A 272 -3.09 29.28 -0.66
N GLY A 273 -3.20 28.10 -0.06
CA GLY A 273 -4.42 27.70 0.61
C GLY A 273 -5.55 27.26 -0.31
N GLN A 274 -5.22 26.94 -1.57
CA GLN A 274 -6.17 26.46 -2.57
C GLN A 274 -6.82 25.11 -2.15
N GLU A 275 -8.15 25.06 -2.10
CA GLU A 275 -8.86 23.84 -1.72
C GLU A 275 -8.64 22.67 -2.70
N ILE A 276 -8.29 21.48 -2.18
CA ILE A 276 -8.20 20.30 -3.04
C ILE A 276 -9.35 19.32 -2.72
N ASN A 277 -9.74 19.20 -1.42
CA ASN A 277 -10.82 18.32 -0.98
C ASN A 277 -11.50 18.89 0.25
N ARG A 278 -12.75 18.47 0.45
CA ARG A 278 -13.52 18.68 1.67
C ARG A 278 -14.25 17.37 1.98
N GLY A 279 -14.54 17.13 3.25
CA GLY A 279 -15.24 15.91 3.64
C GLY A 279 -15.78 15.90 5.03
N THR A 280 -16.44 14.81 5.40
CA THR A 280 -16.99 14.59 6.74
C THR A 280 -16.72 13.14 7.14
N THR A 281 -16.48 12.90 8.44
CA THR A 281 -16.37 11.53 8.96
C THR A 281 -17.30 11.34 10.16
N LEU A 282 -17.82 10.13 10.35
CA LEU A 282 -18.63 9.78 11.50
C LEU A 282 -17.92 8.60 12.19
N TRP A 283 -17.73 8.68 13.49
CA TRP A 283 -17.03 7.66 14.25
C TRP A 283 -17.92 7.17 15.40
N ARG A 284 -17.90 5.86 15.68
CA ARG A 284 -18.67 5.33 16.79
C ARG A 284 -17.76 4.75 17.87
N LYS A 285 -18.13 4.95 19.14
CA LYS A 285 -17.34 4.45 20.29
C LYS A 285 -17.17 2.92 20.21
N LYS A 286 -15.93 2.44 20.42
CA LYS A 286 -15.64 1.00 20.38
C LYS A 286 -16.35 0.28 21.52
N GLY B 2 -1.89 -19.99 0.06
CA GLY B 2 -0.53 -20.45 0.23
C GLY B 2 -0.45 -21.74 1.02
N SER B 3 0.74 -22.39 1.00
CA SER B 3 0.91 -23.61 1.73
C SER B 3 2.36 -23.98 1.95
N LEU B 4 2.63 -24.71 3.05
CA LEU B 4 3.94 -25.30 3.30
C LEU B 4 4.20 -26.35 2.20
N THR B 5 5.46 -26.56 1.81
CA THR B 5 5.80 -27.56 0.81
C THR B 5 5.66 -28.98 1.41
N GLU B 6 5.87 -30.03 0.60
CA GLU B 6 5.74 -31.41 1.04
C GLU B 6 6.57 -31.73 2.30
N ASP B 7 7.85 -31.33 2.32
CA ASP B 7 8.72 -31.60 3.47
C ASP B 7 8.44 -30.69 4.70
N GLY B 8 7.60 -29.66 4.54
CA GLY B 8 7.25 -28.74 5.61
C GLY B 8 8.39 -27.81 6.03
N LEU B 9 9.43 -27.69 5.18
CA LEU B 9 10.59 -26.85 5.49
C LEU B 9 10.64 -25.51 4.72
N SER B 10 9.62 -25.23 3.89
CA SER B 10 9.49 -23.96 3.17
C SER B 10 8.00 -23.66 2.89
N TYR B 11 7.68 -22.46 2.40
CA TYR B 11 6.30 -22.05 2.17
C TYR B 11 6.13 -21.36 0.82
N LYS B 12 5.07 -21.70 0.06
CA LYS B 12 4.81 -21.07 -1.25
C LYS B 12 3.48 -20.36 -1.27
N GLU B 13 3.39 -19.25 -2.02
CA GLU B 13 2.13 -18.52 -2.15
C GLU B 13 2.09 -17.75 -3.49
N LYS B 14 0.91 -17.71 -4.11
CA LYS B 14 0.72 -17.02 -5.38
C LYS B 14 -0.01 -15.68 -5.12
N PHE B 15 0.36 -14.67 -5.90
CA PHE B 15 -0.23 -13.33 -5.81
C PHE B 15 -0.52 -12.83 -7.20
N VAL B 16 -1.70 -12.21 -7.38
CA VAL B 16 -2.07 -11.60 -8.64
C VAL B 16 -1.73 -10.11 -8.49
N VAL B 17 -0.91 -9.56 -9.39
CA VAL B 17 -0.48 -8.16 -9.28
C VAL B 17 -1.67 -7.18 -9.50
N ARG B 18 -1.93 -6.32 -8.50
CA ARG B 18 -3.05 -5.34 -8.51
C ARG B 18 -2.78 -4.03 -9.23
N SER B 19 -3.84 -3.36 -9.71
CA SER B 19 -3.76 -2.07 -10.43
C SER B 19 -3.02 -0.99 -9.65
N TYR B 20 -3.29 -0.84 -8.33
CA TYR B 20 -2.61 0.18 -7.53
C TYR B 20 -1.19 -0.20 -7.08
N GLU B 21 -0.78 -1.43 -7.33
CA GLU B 21 0.55 -1.95 -6.95
C GLU B 21 1.63 -1.67 -8.02
N VAL B 22 1.25 -1.19 -9.22
CA VAL B 22 2.22 -0.98 -10.29
C VAL B 22 2.62 0.47 -10.50
N GLY B 23 3.84 0.68 -11.01
CA GLY B 23 4.37 2.01 -11.34
C GLY B 23 4.10 2.42 -12.78
N SER B 24 4.80 3.45 -13.29
CA SER B 24 4.57 3.97 -14.64
C SER B 24 4.88 3.00 -15.79
N ASN B 25 5.63 1.94 -15.51
CA ASN B 25 5.92 0.90 -16.51
C ASN B 25 4.84 -0.24 -16.52
N LYS B 26 3.76 -0.09 -15.72
CA LYS B 26 2.68 -1.08 -15.59
C LYS B 26 3.18 -2.42 -15.02
N THR B 27 4.26 -2.40 -14.24
CA THR B 27 4.84 -3.57 -13.55
C THR B 27 4.97 -3.23 -12.04
N ALA B 28 4.96 -4.25 -11.16
CA ALA B 28 5.02 -4.08 -9.70
C ALA B 28 6.19 -3.23 -9.24
N THR B 29 5.98 -2.29 -8.30
CA THR B 29 7.09 -1.51 -7.75
C THR B 29 7.92 -2.42 -6.81
N VAL B 30 9.15 -2.00 -6.47
CA VAL B 30 9.97 -2.75 -5.52
C VAL B 30 9.32 -2.74 -4.12
N GLU B 31 8.49 -1.71 -3.81
CA GLU B 31 7.78 -1.65 -2.54
C GLU B 31 6.67 -2.68 -2.51
N THR B 32 5.99 -2.92 -3.66
CA THR B 32 4.98 -3.99 -3.77
C THR B 32 5.68 -5.33 -3.57
N ILE B 33 6.83 -5.56 -4.24
CA ILE B 33 7.59 -6.79 -4.08
C ILE B 33 7.94 -7.02 -2.59
N ALA B 34 8.52 -5.99 -1.93
CA ALA B 34 8.89 -6.06 -0.51
C ALA B 34 7.69 -6.34 0.39
N ASN B 35 6.48 -5.75 0.11
CA ASN B 35 5.26 -6.04 0.89
C ASN B 35 4.86 -7.52 0.72
N LEU B 36 4.95 -8.06 -0.50
CA LEU B 36 4.61 -9.47 -0.77
C LEU B 36 5.57 -10.43 -0.07
N LEU B 37 6.87 -10.08 -0.01
CA LEU B 37 7.85 -10.93 0.70
C LEU B 37 7.46 -11.01 2.20
N GLN B 38 7.12 -9.85 2.79
CA GLN B 38 6.71 -9.70 4.17
C GLN B 38 5.42 -10.49 4.42
N GLU B 39 4.46 -10.41 3.49
CA GLU B 39 3.20 -11.17 3.60
C GLU B 39 3.44 -12.70 3.54
N VAL B 40 4.28 -13.19 2.61
CA VAL B 40 4.55 -14.64 2.54
C VAL B 40 5.32 -15.09 3.82
N GLY B 41 6.19 -14.22 4.34
CA GLY B 41 6.91 -14.47 5.59
C GLY B 41 5.97 -14.62 6.76
N CYS B 42 4.96 -13.71 6.89
CA CYS B 42 3.96 -13.80 7.96
C CYS B 42 3.14 -15.09 7.81
N ASN B 43 2.76 -15.49 6.57
CA ASN B 43 1.94 -16.69 6.37
C ASN B 43 2.72 -17.98 6.69
N HIS B 44 4.04 -17.98 6.44
CA HIS B 44 4.90 -19.10 6.78
C HIS B 44 4.94 -19.25 8.33
N ALA B 45 5.18 -18.14 9.06
CA ALA B 45 5.21 -18.14 10.53
C ALA B 45 3.86 -18.65 11.13
N GLN B 46 2.74 -18.21 10.57
CA GLN B 46 1.44 -18.67 11.04
C GLN B 46 1.21 -20.16 10.85
N SER B 47 1.60 -20.68 9.67
CA SER B 47 1.42 -22.08 9.30
C SER B 47 2.13 -23.05 10.23
N VAL B 48 3.19 -22.61 10.90
CA VAL B 48 3.92 -23.49 11.82
C VAL B 48 3.77 -23.09 13.30
N GLY B 49 2.80 -22.25 13.63
CA GLY B 49 2.49 -21.93 15.02
C GLY B 49 3.12 -20.72 15.70
N PHE B 50 3.86 -19.89 14.97
CA PHE B 50 4.47 -18.69 15.58
C PHE B 50 3.52 -17.47 15.56
N SER B 51 3.97 -16.31 16.12
CA SER B 51 3.25 -15.03 16.08
C SER B 51 1.86 -15.08 16.70
N ALA B 56 7.26 -13.37 14.68
CA ALA B 56 7.73 -14.75 14.67
C ALA B 56 8.31 -15.15 16.03
N THR B 57 7.67 -14.70 17.12
CA THR B 57 8.14 -14.98 18.47
C THR B 57 7.81 -16.40 18.91
N THR B 58 8.81 -17.10 19.47
CA THR B 58 8.61 -18.44 20.02
C THR B 58 7.96 -18.33 21.44
N THR B 59 7.78 -19.46 22.15
CA THR B 59 7.18 -19.45 23.48
C THR B 59 8.08 -18.78 24.52
N THR B 60 9.39 -19.06 24.50
CA THR B 60 10.30 -18.42 25.45
C THR B 60 10.60 -16.96 25.09
N MET B 61 10.39 -16.55 23.82
CA MET B 61 10.62 -15.16 23.43
C MET B 61 9.54 -14.29 24.06
N ARG B 62 8.28 -14.73 24.02
CA ARG B 62 7.17 -13.94 24.59
C ARG B 62 7.36 -13.73 26.10
N LYS B 63 7.82 -14.76 26.80
CA LYS B 63 8.06 -14.72 28.24
C LYS B 63 9.20 -13.74 28.57
N LEU B 64 10.26 -13.75 27.76
CA LEU B 64 11.41 -12.87 27.95
C LEU B 64 11.30 -11.50 27.29
N HIS B 65 10.13 -11.16 26.71
CA HIS B 65 9.88 -9.92 25.99
C HIS B 65 10.91 -9.70 24.87
N LEU B 66 11.17 -10.76 24.10
CA LEU B 66 12.13 -10.78 23.00
C LEU B 66 11.41 -10.80 21.64
N ILE B 67 11.96 -10.11 20.63
CA ILE B 67 11.40 -10.06 19.26
C ILE B 67 12.51 -10.19 18.19
N TRP B 68 12.13 -10.62 16.99
CA TRP B 68 13.03 -10.64 15.85
C TRP B 68 12.89 -9.29 15.16
N VAL B 69 13.99 -8.64 14.83
CA VAL B 69 13.98 -7.37 14.13
C VAL B 69 14.91 -7.47 12.90
N THR B 70 14.56 -6.80 11.80
CA THR B 70 15.39 -6.82 10.60
C THR B 70 16.65 -5.97 10.74
N ALA B 71 17.79 -6.57 10.47
CA ALA B 71 19.07 -5.85 10.45
C ALA B 71 19.43 -5.48 8.99
N ARG B 72 19.08 -6.36 8.04
CA ARG B 72 19.43 -6.15 6.66
C ARG B 72 18.42 -6.81 5.74
N MET B 73 18.15 -6.16 4.59
CA MET B 73 17.29 -6.66 3.53
C MET B 73 18.10 -6.51 2.20
N HIS B 74 18.14 -7.54 1.37
CA HIS B 74 18.83 -7.52 0.08
C HIS B 74 17.90 -8.13 -0.97
N ILE B 75 17.56 -7.36 -2.02
CA ILE B 75 16.63 -7.85 -3.05
C ILE B 75 17.22 -7.64 -4.46
N GLU B 76 17.11 -8.67 -5.32
N GLU B 76 17.11 -8.67 -5.32
N GLU B 76 17.11 -8.67 -5.32
CA GLU B 76 17.54 -8.59 -6.71
CA GLU B 76 17.56 -8.61 -6.71
CA GLU B 76 17.54 -8.59 -6.71
C GLU B 76 16.38 -8.99 -7.61
C GLU B 76 16.40 -9.00 -7.63
C GLU B 76 16.37 -8.99 -7.61
N ILE B 77 15.97 -8.11 -8.53
CA ILE B 77 14.87 -8.38 -9.45
C ILE B 77 15.37 -8.41 -10.90
N TYR B 78 15.06 -9.50 -11.63
CA TYR B 78 15.40 -9.65 -13.06
C TYR B 78 14.23 -9.15 -13.91
N LYS B 79 12.99 -9.47 -13.52
CA LYS B 79 11.80 -9.01 -14.22
C LYS B 79 10.72 -8.64 -13.19
N TYR B 80 10.15 -7.43 -13.27
CA TYR B 80 9.05 -7.05 -12.36
C TYR B 80 7.75 -7.58 -12.99
N PRO B 81 6.89 -8.26 -12.21
CA PRO B 81 5.67 -8.84 -12.81
C PRO B 81 4.72 -7.73 -13.26
N ALA B 82 4.09 -7.93 -14.41
CA ALA B 82 3.17 -6.96 -14.95
C ALA B 82 1.81 -7.01 -14.21
N TRP B 83 1.03 -5.94 -14.32
CA TRP B 83 -0.31 -5.82 -13.78
C TRP B 83 -1.20 -6.98 -14.30
N GLY B 84 -1.77 -7.73 -13.37
CA GLY B 84 -2.58 -8.89 -13.72
C GLY B 84 -1.81 -10.21 -13.76
N ASP B 85 -0.47 -10.16 -13.70
CA ASP B 85 0.34 -11.38 -13.71
C ASP B 85 0.31 -12.08 -12.35
N VAL B 86 0.53 -13.38 -12.36
CA VAL B 86 0.60 -14.19 -11.15
C VAL B 86 2.07 -14.46 -10.83
N VAL B 87 2.51 -14.08 -9.65
CA VAL B 87 3.88 -14.32 -9.20
C VAL B 87 3.82 -15.37 -8.06
N GLU B 88 4.74 -16.35 -8.09
CA GLU B 88 4.80 -17.35 -7.01
C GLU B 88 6.03 -17.10 -6.17
N ILE B 89 5.86 -16.98 -4.85
CA ILE B 89 6.98 -16.73 -3.96
C ILE B 89 7.20 -17.89 -3.00
N GLU B 90 8.43 -18.39 -2.95
CA GLU B 90 8.80 -19.46 -2.01
C GLU B 90 9.72 -18.85 -0.92
N THR B 91 9.47 -19.15 0.35
CA THR B 91 10.26 -18.61 1.45
C THR B 91 10.67 -19.71 2.47
N TRP B 92 11.83 -19.54 3.08
CA TRP B 92 12.33 -20.45 4.09
C TRP B 92 13.27 -19.70 5.05
N CYS B 93 13.51 -20.29 6.22
CA CYS B 93 14.39 -19.69 7.22
C CYS B 93 15.56 -20.58 7.54
N GLN B 94 16.62 -19.97 8.09
CA GLN B 94 17.78 -20.71 8.51
C GLN B 94 18.47 -20.03 9.68
N SER B 95 19.04 -20.86 10.58
CA SER B 95 19.79 -20.39 11.75
C SER B 95 21.15 -19.94 11.32
N GLU B 96 21.61 -18.83 11.86
CA GLU B 96 22.97 -18.35 11.62
C GLU B 96 23.70 -18.30 12.98
N GLY B 97 23.60 -19.39 13.73
CA GLY B 97 24.23 -19.49 15.05
C GLY B 97 23.71 -18.47 16.04
N ARG B 98 24.59 -17.92 16.87
CA ARG B 98 24.23 -16.93 17.88
C ARG B 98 23.93 -15.55 17.29
N ILE B 99 24.40 -15.27 16.05
CA ILE B 99 24.26 -13.98 15.39
C ILE B 99 22.78 -13.61 15.19
N GLY B 100 21.98 -14.58 14.78
CA GLY B 100 20.56 -14.38 14.54
C GLY B 100 20.03 -15.39 13.56
N THR B 101 19.01 -15.01 12.80
CA THR B 101 18.39 -15.87 11.81
C THR B 101 18.40 -15.19 10.42
N ARG B 102 18.06 -15.96 9.38
CA ARG B 102 18.03 -15.47 8.03
C ARG B 102 16.75 -15.96 7.35
N ARG B 103 16.07 -15.06 6.61
CA ARG B 103 14.91 -15.50 5.84
C ARG B 103 15.24 -15.24 4.38
N ASP B 104 15.01 -16.25 3.50
CA ASP B 104 15.28 -16.14 2.06
C ASP B 104 14.01 -16.30 1.22
N TRP B 105 14.02 -15.73 0.01
CA TRP B 105 12.89 -15.83 -0.90
C TRP B 105 13.35 -16.04 -2.34
N ILE B 106 12.52 -16.75 -3.11
CA ILE B 106 12.70 -16.94 -4.54
C ILE B 106 11.37 -16.53 -5.19
N LEU B 107 11.43 -15.65 -6.18
N LEU B 107 11.42 -15.64 -6.18
N LEU B 107 11.43 -15.65 -6.18
CA LEU B 107 10.23 -15.19 -6.90
CA LEU B 107 10.23 -15.19 -6.88
CA LEU B 107 10.23 -15.19 -6.90
C LEU B 107 10.22 -15.82 -8.28
C LEU B 107 10.21 -15.81 -8.28
C LEU B 107 10.22 -15.82 -8.28
N LYS B 108 9.07 -16.34 -8.70
CA LYS B 108 8.96 -16.97 -10.01
C LYS B 108 7.72 -16.49 -10.78
N ASP B 109 7.78 -16.54 -12.11
CA ASP B 109 6.64 -16.27 -12.96
C ASP B 109 5.83 -17.58 -12.92
N SER B 110 4.54 -17.51 -12.57
CA SER B 110 3.72 -18.70 -12.43
C SER B 110 3.49 -19.43 -13.75
N VAL B 111 3.43 -18.69 -14.86
CA VAL B 111 3.19 -19.29 -16.17
C VAL B 111 4.43 -19.97 -16.74
N THR B 112 5.58 -19.30 -16.71
CA THR B 112 6.81 -19.85 -17.29
C THR B 112 7.62 -20.71 -16.33
N GLY B 113 7.48 -20.48 -15.04
CA GLY B 113 8.26 -21.17 -14.01
C GLY B 113 9.67 -20.61 -13.84
N GLU B 114 10.00 -19.51 -14.53
CA GLU B 114 11.33 -18.93 -14.45
C GLU B 114 11.52 -18.04 -13.22
N VAL B 115 12.74 -18.04 -12.66
CA VAL B 115 13.09 -17.20 -11.54
C VAL B 115 13.17 -15.75 -12.01
N THR B 116 12.33 -14.88 -11.45
CA THR B 116 12.32 -13.47 -11.84
C THR B 116 12.89 -12.52 -10.75
N GLY B 117 13.24 -13.08 -9.60
CA GLY B 117 13.80 -12.32 -8.49
C GLY B 117 14.20 -13.21 -7.32
N ARG B 118 15.00 -12.66 -6.42
N ARG B 118 15.00 -12.66 -6.42
N ARG B 118 14.97 -12.64 -6.40
CA ARG B 118 15.43 -13.35 -5.21
CA ARG B 118 15.43 -13.35 -5.21
CA ARG B 118 15.42 -13.34 -5.20
C ARG B 118 15.77 -12.37 -4.10
C ARG B 118 15.77 -12.37 -4.10
C ARG B 118 15.74 -12.35 -4.09
N ALA B 119 15.53 -12.76 -2.84
CA ALA B 119 15.80 -11.89 -1.71
C ALA B 119 16.32 -12.65 -0.51
N THR B 120 17.05 -11.93 0.34
CA THR B 120 17.59 -12.50 1.55
C THR B 120 17.55 -11.40 2.62
N SER B 121 17.30 -11.78 3.87
CA SER B 121 17.24 -10.84 4.98
C SER B 121 17.85 -11.42 6.23
N LYS B 122 18.52 -10.58 7.02
CA LYS B 122 19.14 -10.94 8.28
C LYS B 122 18.32 -10.33 9.43
N TRP B 123 18.01 -11.14 10.43
CA TRP B 123 17.21 -10.77 11.57
C TRP B 123 18.00 -10.99 12.87
N VAL B 124 17.88 -10.07 13.84
CA VAL B 124 18.57 -10.19 15.14
C VAL B 124 17.56 -10.21 16.31
N MET B 125 17.95 -10.80 17.43
CA MET B 125 17.10 -10.84 18.62
C MET B 125 17.24 -9.52 19.36
N MET B 126 16.14 -8.96 19.83
CA MET B 126 16.17 -7.69 20.55
C MET B 126 15.14 -7.71 21.68
N ASN B 127 15.45 -7.05 22.83
CA ASN B 127 14.46 -6.93 23.88
C ASN B 127 13.50 -5.85 23.41
N GLN B 128 12.18 -6.11 23.34
CA GLN B 128 11.22 -5.12 22.82
C GLN B 128 11.13 -3.81 23.65
N ASP B 129 11.46 -3.86 24.94
CA ASP B 129 11.38 -2.67 25.80
C ASP B 129 12.66 -1.85 25.83
N THR B 130 13.80 -2.48 26.18
CA THR B 130 15.07 -1.76 26.27
C THR B 130 15.75 -1.52 24.93
N ARG B 131 15.33 -2.27 23.87
CA ARG B 131 15.89 -2.25 22.52
C ARG B 131 17.33 -2.79 22.47
N ARG B 132 17.74 -3.57 23.48
CA ARG B 132 19.08 -4.12 23.52
C ARG B 132 19.20 -5.41 22.73
N LEU B 133 20.18 -5.43 21.81
CA LEU B 133 20.47 -6.61 20.98
C LEU B 133 20.89 -7.78 21.84
N GLN B 134 20.55 -8.99 21.41
CA GLN B 134 20.88 -10.19 22.15
C GLN B 134 21.37 -11.30 21.25
N LYS B 135 22.19 -12.18 21.80
CA LYS B 135 22.60 -13.41 21.13
C LYS B 135 21.37 -14.35 21.29
N VAL B 136 21.18 -15.29 20.36
CA VAL B 136 19.99 -16.13 20.36
C VAL B 136 19.82 -17.05 21.60
N SER B 137 20.83 -17.87 21.97
CA SER B 137 20.77 -18.86 23.07
C SER B 137 20.13 -20.18 22.61
N ASP B 138 20.52 -21.30 23.25
CA ASP B 138 20.09 -22.64 22.91
C ASP B 138 18.60 -22.92 23.08
N ASP B 139 17.99 -22.43 24.17
CA ASP B 139 16.56 -22.67 24.44
C ASP B 139 15.67 -22.14 23.33
N VAL B 140 16.00 -20.97 22.76
CA VAL B 140 15.24 -20.36 21.68
C VAL B 140 15.57 -21.05 20.35
N ARG B 141 16.86 -21.33 20.12
CA ARG B 141 17.40 -22.01 18.95
C ARG B 141 16.69 -23.33 18.65
N ASP B 142 16.44 -24.14 19.70
CA ASP B 142 15.81 -25.44 19.55
C ASP B 142 14.32 -25.34 19.24
N GLU B 143 13.66 -24.25 19.65
CA GLU B 143 12.24 -24.03 19.41
C GLU B 143 11.88 -23.72 17.96
N TYR B 144 12.87 -23.37 17.11
CA TYR B 144 12.54 -23.06 15.72
C TYR B 144 13.39 -23.83 14.70
N LEU B 145 14.49 -24.49 15.12
CA LEU B 145 15.32 -25.27 14.20
C LEU B 145 14.57 -26.43 13.53
N VAL B 146 13.51 -26.93 14.16
CA VAL B 146 12.67 -27.99 13.56
C VAL B 146 11.84 -27.49 12.35
N PHE B 147 11.83 -26.18 12.07
CA PHE B 147 11.12 -25.61 10.93
C PHE B 147 12.08 -25.11 9.81
N CYS B 148 13.38 -25.33 9.95
CA CYS B 148 14.40 -24.89 9.02
C CYS B 148 15.03 -26.07 8.27
N PRO B 149 15.52 -25.88 7.01
CA PRO B 149 16.27 -26.98 6.37
C PRO B 149 17.59 -27.17 7.15
N GLN B 150 18.01 -28.41 7.35
CA GLN B 150 19.23 -28.69 8.13
C GLN B 150 20.51 -28.41 7.32
N GLU B 151 20.51 -28.81 6.05
CA GLU B 151 21.62 -28.47 5.15
C GLU B 151 21.42 -27.01 4.67
N PRO B 152 22.50 -26.24 4.40
CA PRO B 152 22.31 -24.84 3.98
C PRO B 152 21.60 -24.72 2.63
N ARG B 153 20.60 -23.84 2.58
CA ARG B 153 19.80 -23.55 1.40
C ARG B 153 19.89 -22.01 1.23
N LEU B 154 20.58 -21.55 0.18
CA LEU B 154 20.82 -20.13 0.00
C LEU B 154 20.24 -19.54 -1.25
N ALA B 155 19.48 -18.43 -1.13
CA ALA B 155 18.98 -17.71 -2.29
C ALA B 155 20.17 -17.03 -3.01
N PHE B 156 21.22 -16.64 -2.29
CA PHE B 156 22.42 -16.04 -2.85
C PHE B 156 23.61 -16.90 -2.43
N PRO B 157 23.82 -18.02 -3.13
CA PRO B 157 24.91 -18.93 -2.74
C PRO B 157 26.32 -18.45 -3.10
N GLU B 158 26.51 -17.96 -4.34
CA GLU B 158 27.78 -17.48 -4.90
C GLU B 158 28.76 -16.84 -3.90
N GLU B 159 30.01 -17.33 -3.88
CA GLU B 159 31.03 -16.78 -2.98
C GLU B 159 31.35 -15.36 -3.48
N ASN B 160 31.34 -14.38 -2.56
CA ASN B 160 31.55 -12.94 -2.82
C ASN B 160 30.30 -12.30 -3.47
N ASN B 161 29.11 -12.59 -2.93
CA ASN B 161 27.87 -12.01 -3.46
C ASN B 161 27.57 -10.62 -2.90
N ARG B 162 26.70 -9.86 -3.57
CA ARG B 162 26.33 -8.50 -3.18
C ARG B 162 25.57 -8.44 -1.84
N SER B 163 24.91 -9.54 -1.45
CA SER B 163 24.11 -9.60 -0.22
C SER B 163 24.89 -9.48 1.07
N LEU B 164 26.21 -9.74 1.05
CA LEU B 164 27.04 -9.67 2.25
C LEU B 164 28.10 -8.54 2.21
N LYS B 165 27.96 -7.57 1.30
CA LYS B 165 28.94 -6.49 1.19
C LYS B 165 28.79 -5.44 2.28
N LYS B 166 29.92 -4.87 2.74
CA LYS B 166 29.89 -3.83 3.77
C LYS B 166 29.48 -2.50 3.10
N ILE B 167 28.54 -1.76 3.71
CA ILE B 167 28.08 -0.49 3.14
C ILE B 167 28.68 0.70 3.89
N PRO B 168 29.36 1.63 3.18
CA PRO B 168 29.95 2.79 3.88
C PRO B 168 28.95 3.91 4.21
N LYS B 169 29.37 4.85 5.05
CA LYS B 169 28.51 5.96 5.42
C LYS B 169 28.72 7.11 4.45
N LEU B 170 27.62 7.58 3.85
CA LEU B 170 27.61 8.67 2.90
C LEU B 170 28.19 9.94 3.58
N GLU B 171 29.10 10.65 2.92
CA GLU B 171 29.70 11.86 3.47
C GLU B 171 29.03 13.12 2.91
N ASP B 172 28.78 14.11 3.78
CA ASP B 172 28.20 15.38 3.34
C ASP B 172 29.24 16.18 2.52
N PRO B 173 28.82 16.91 1.47
CA PRO B 173 27.44 17.06 1.00
C PRO B 173 26.96 15.92 0.06
N ALA B 174 25.67 15.56 0.18
CA ALA B 174 25.07 14.53 -0.67
C ALA B 174 24.83 15.14 -2.07
N GLN B 175 24.86 14.31 -3.12
CA GLN B 175 24.60 14.82 -4.47
C GLN B 175 23.11 15.18 -4.61
N TYR B 176 22.23 14.33 -4.08
CA TYR B 176 20.78 14.51 -4.10
C TYR B 176 20.18 14.33 -2.69
N SER B 177 18.99 14.91 -2.45
CA SER B 177 18.32 14.77 -1.18
C SER B 177 16.82 15.00 -1.29
N MET B 178 16.07 14.39 -0.37
CA MET B 178 14.64 14.59 -0.23
C MET B 178 14.44 14.76 1.29
N ILE B 179 14.06 15.96 1.74
CA ILE B 179 14.01 16.24 3.17
C ILE B 179 12.57 16.37 3.73
N GLY B 180 12.45 16.23 5.05
CA GLY B 180 11.16 16.36 5.71
C GLY B 180 10.18 15.22 5.48
N LEU B 181 10.66 14.00 5.23
CA LEU B 181 9.79 12.84 5.04
C LEU B 181 9.18 12.39 6.40
N LYS B 182 7.85 12.23 6.46
CA LYS B 182 7.19 11.83 7.71
C LYS B 182 6.26 10.65 7.42
N PRO B 183 6.19 9.66 8.32
CA PRO B 183 5.25 8.56 8.10
C PRO B 183 3.80 8.96 8.42
N ARG B 184 2.86 8.45 7.66
CA ARG B 184 1.44 8.66 7.99
C ARG B 184 0.89 7.30 8.54
N ARG B 185 -0.41 7.23 8.92
CA ARG B 185 -0.94 5.99 9.52
C ARG B 185 -0.85 4.78 8.59
N ALA B 186 -0.99 4.97 7.26
CA ALA B 186 -0.83 3.85 6.32
C ALA B 186 0.60 3.29 6.33
N ASP B 187 1.61 4.05 6.79
CA ASP B 187 2.99 3.55 6.88
C ASP B 187 3.26 2.70 8.17
N LEU B 188 2.31 2.65 9.10
CA LEU B 188 2.50 1.89 10.34
C LEU B 188 1.93 0.48 10.22
N ASP B 189 2.53 -0.49 10.94
CA ASP B 189 2.00 -1.85 10.97
C ASP B 189 0.95 -1.99 12.10
N MET B 190 0.44 -3.21 12.37
CA MET B 190 -0.53 -3.45 13.42
C MET B 190 -0.01 -3.10 14.84
N ASN B 191 1.32 -3.08 15.06
CA ASN B 191 1.89 -2.69 16.38
C ASN B 191 2.24 -1.20 16.48
N GLN B 192 1.82 -0.39 15.48
CA GLN B 192 2.05 1.07 15.40
C GLN B 192 3.53 1.45 15.17
N HIS B 193 4.32 0.50 14.64
CA HIS B 193 5.72 0.73 14.30
C HIS B 193 5.77 1.00 12.79
N VAL B 194 6.76 1.81 12.34
CA VAL B 194 6.89 2.08 10.90
C VAL B 194 7.24 0.77 10.16
N ASN B 195 6.49 0.43 9.09
CA ASN B 195 6.68 -0.77 8.29
C ASN B 195 8.08 -0.70 7.63
N ASN B 196 8.82 -1.81 7.61
CA ASN B 196 10.16 -1.88 7.02
C ASN B 196 10.22 -1.44 5.56
N VAL B 197 9.11 -1.61 4.83
CA VAL B 197 8.98 -1.28 3.41
C VAL B 197 8.98 0.23 3.20
N THR B 198 8.41 1.01 4.14
CA THR B 198 8.39 2.49 4.07
C THR B 198 9.84 3.02 3.95
N TYR B 199 10.81 2.41 4.68
CA TYR B 199 12.21 2.86 4.60
C TYR B 199 12.76 2.69 3.18
N ILE B 200 12.34 1.61 2.47
CA ILE B 200 12.75 1.37 1.08
C ILE B 200 12.23 2.54 0.22
N GLY B 201 10.96 2.92 0.42
CA GLY B 201 10.38 4.05 -0.30
C GLY B 201 11.11 5.35 -0.03
N TRP B 202 11.41 5.62 1.23
CA TRP B 202 12.13 6.84 1.62
C TRP B 202 13.52 6.91 0.99
N VAL B 203 14.25 5.78 0.94
CA VAL B 203 15.58 5.71 0.31
C VAL B 203 15.47 6.14 -1.18
N LEU B 204 14.49 5.53 -1.88
CA LEU B 204 14.23 5.77 -3.30
C LEU B 204 13.76 7.18 -3.63
N GLU B 205 13.19 7.90 -2.66
CA GLU B 205 12.73 9.26 -2.86
C GLU B 205 13.84 10.25 -3.28
N SER B 206 15.09 10.02 -2.84
CA SER B 206 16.19 10.92 -3.23
C SER B 206 16.83 10.54 -4.59
N ILE B 207 16.37 9.48 -5.26
CA ILE B 207 16.88 9.13 -6.61
C ILE B 207 16.15 10.10 -7.56
N PRO B 208 16.87 10.79 -8.47
CA PRO B 208 16.18 11.72 -9.40
C PRO B 208 15.19 10.99 -10.30
N GLN B 209 14.09 11.68 -10.64
CA GLN B 209 13.03 11.12 -11.48
C GLN B 209 13.52 10.67 -12.86
N GLU B 210 14.56 11.33 -13.42
CA GLU B 210 15.13 10.94 -14.70
C GLU B 210 15.79 9.55 -14.66
N ILE B 211 16.41 9.19 -13.52
CA ILE B 211 16.98 7.86 -13.37
C ILE B 211 15.84 6.84 -13.33
N VAL B 212 14.77 7.12 -12.58
CA VAL B 212 13.62 6.22 -12.49
C VAL B 212 12.91 6.06 -13.86
N ASP B 213 12.81 7.15 -14.63
CA ASP B 213 12.18 7.15 -15.95
C ASP B 213 12.96 6.39 -17.04
N THR B 214 14.30 6.30 -16.92
CA THR B 214 15.14 5.65 -17.94
C THR B 214 15.85 4.36 -17.48
N HIS B 215 15.80 4.06 -16.19
CA HIS B 215 16.47 2.87 -15.65
C HIS B 215 15.48 1.99 -14.90
N GLU B 216 15.86 0.74 -14.70
CA GLU B 216 15.11 -0.17 -13.88
C GLU B 216 15.99 -0.55 -12.69
N LEU B 217 15.41 -0.59 -11.50
CA LEU B 217 16.13 -0.97 -10.30
C LEU B 217 16.42 -2.47 -10.35
N GLN B 218 17.71 -2.85 -10.29
CA GLN B 218 18.07 -4.26 -10.35
C GLN B 218 18.37 -4.85 -8.94
N VAL B 219 19.12 -4.10 -8.09
CA VAL B 219 19.50 -4.58 -6.76
C VAL B 219 19.35 -3.46 -5.73
N ILE B 220 18.91 -3.81 -4.52
CA ILE B 220 18.83 -2.89 -3.39
C ILE B 220 19.28 -3.63 -2.14
N THR B 221 20.26 -3.08 -1.41
CA THR B 221 20.73 -3.61 -0.15
C THR B 221 20.47 -2.52 0.89
N LEU B 222 19.79 -2.86 1.97
CA LEU B 222 19.45 -1.89 2.99
C LEU B 222 19.77 -2.39 4.39
N ASP B 223 20.56 -1.62 5.15
CA ASP B 223 20.88 -1.87 6.54
C ASP B 223 19.92 -1.03 7.39
N TYR B 224 19.40 -1.64 8.47
CA TYR B 224 18.48 -1.01 9.41
C TYR B 224 19.26 -0.83 10.74
N ARG B 225 19.58 0.41 11.07
CA ARG B 225 20.36 0.74 12.26
C ARG B 225 19.48 1.10 13.44
N ARG B 226 18.40 1.83 13.17
CA ARG B 226 17.53 2.34 14.21
C ARG B 226 16.13 2.60 13.62
N GLU B 227 15.09 2.55 14.45
CA GLU B 227 13.74 2.80 14.02
C GLU B 227 13.39 4.29 13.87
N CYS B 228 12.47 4.58 12.94
CA CYS B 228 11.90 5.92 12.83
C CYS B 228 10.59 5.82 13.63
N GLN B 229 10.39 6.72 14.59
CA GLN B 229 9.15 6.72 15.35
C GLN B 229 8.07 7.45 14.56
N GLN B 230 6.81 7.27 14.97
CA GLN B 230 5.66 7.87 14.32
C GLN B 230 5.76 9.41 14.26
N ASP B 231 6.35 10.06 15.30
CA ASP B 231 6.47 11.51 15.29
C ASP B 231 7.86 12.03 14.81
N ASP B 232 8.68 11.15 14.23
CA ASP B 232 10.00 11.53 13.71
C ASP B 232 9.89 12.07 12.24
N VAL B 233 10.93 12.78 11.80
CA VAL B 233 11.05 13.38 10.46
C VAL B 233 12.39 12.92 9.91
N VAL B 234 12.42 12.48 8.66
CA VAL B 234 13.58 11.89 8.02
C VAL B 234 14.06 12.66 6.78
N ASP B 235 15.37 12.62 6.57
CA ASP B 235 16.02 13.17 5.40
C ASP B 235 16.63 12.00 4.66
N SER B 236 16.41 11.96 3.34
CA SER B 236 16.90 10.89 2.46
C SER B 236 18.04 11.47 1.58
N LEU B 237 19.21 10.86 1.65
CA LEU B 237 20.38 11.36 0.94
C LEU B 237 20.93 10.30 -0.02
N THR B 238 21.34 10.73 -1.23
CA THR B 238 21.86 9.85 -2.27
C THR B 238 23.04 10.49 -3.00
N THR B 239 24.10 9.69 -3.27
CA THR B 239 25.26 10.11 -4.03
C THR B 239 25.59 9.00 -5.06
N THR B 240 25.81 9.38 -6.34
CA THR B 240 26.17 8.41 -7.37
C THR B 240 27.58 7.90 -7.08
N THR B 241 27.80 6.58 -7.13
CA THR B 241 29.14 6.02 -6.92
C THR B 241 29.75 5.42 -8.19
N SER B 242 28.97 5.28 -9.27
CA SER B 242 29.50 4.69 -10.52
C SER B 242 30.29 5.71 -11.37
N ASP B 260 25.57 0.67 -16.25
CA ASP B 260 24.86 0.59 -14.96
C ASP B 260 25.07 1.86 -14.13
N SER B 261 24.13 2.15 -13.23
CA SER B 261 24.26 3.28 -12.32
C SER B 261 24.16 2.74 -10.89
N GLN B 262 25.12 3.07 -10.04
CA GLN B 262 25.13 2.64 -8.66
C GLN B 262 25.03 3.86 -7.76
N PHE B 263 24.28 3.76 -6.66
CA PHE B 263 24.12 4.87 -5.73
C PHE B 263 24.39 4.43 -4.29
N LEU B 264 24.86 5.36 -3.48
CA LEU B 264 25.06 5.16 -2.04
C LEU B 264 23.95 5.98 -1.36
N HIS B 265 23.30 5.40 -0.34
CA HIS B 265 22.14 6.02 0.31
C HIS B 265 22.30 6.14 1.81
N LEU B 266 21.62 7.14 2.40
CA LEU B 266 21.61 7.38 3.83
C LEU B 266 20.30 8.04 4.26
N LEU B 267 19.60 7.42 5.24
CA LEU B 267 18.40 7.99 5.86
C LEU B 267 18.84 8.40 7.27
N ARG B 268 18.55 9.64 7.66
CA ARG B 268 18.90 10.15 8.98
C ARG B 268 17.77 11.05 9.49
N LEU B 269 17.63 11.19 10.82
CA LEU B 269 16.60 12.06 11.41
C LEU B 269 16.91 13.51 11.07
N SER B 270 15.88 14.29 10.68
CA SER B 270 15.98 15.67 10.21
C SER B 270 16.66 16.66 11.15
N GLY B 271 16.50 16.44 12.44
CA GLY B 271 17.07 17.33 13.44
C GLY B 271 18.51 17.05 13.71
N ASP B 272 18.76 16.12 14.65
CA ASP B 272 20.10 15.76 15.10
C ASP B 272 20.97 15.03 14.06
N GLY B 273 20.40 14.56 12.96
CA GLY B 273 21.18 13.86 11.94
C GLY B 273 21.55 12.42 12.30
N GLN B 274 20.85 11.84 13.29
CA GLN B 274 21.03 10.46 13.73
C GLN B 274 20.71 9.45 12.60
N GLU B 275 21.66 8.57 12.27
CA GLU B 275 21.47 7.57 11.23
C GLU B 275 20.36 6.56 11.55
N ILE B 276 19.45 6.30 10.58
CA ILE B 276 18.44 5.27 10.76
C ILE B 276 18.72 4.09 9.81
N ASN B 277 19.17 4.39 8.57
CA ASN B 277 19.49 3.39 7.56
C ASN B 277 20.60 3.87 6.65
N ARG B 278 21.27 2.92 6.02
CA ARG B 278 22.23 3.13 4.95
C ARG B 278 21.99 2.02 3.91
N GLY B 279 22.29 2.30 2.65
CA GLY B 279 22.09 1.30 1.60
C GLY B 279 22.75 1.63 0.29
N THR B 280 22.60 0.72 -0.66
CA THR B 280 23.12 0.88 -2.02
C THR B 280 22.06 0.39 -3.01
N THR B 281 22.00 1.03 -4.19
CA THR B 281 21.12 0.53 -5.26
C THR B 281 21.92 0.39 -6.56
N LEU B 282 21.55 -0.58 -7.40
CA LEU B 282 22.15 -0.78 -8.71
C LEU B 282 20.99 -0.67 -9.72
N TRP B 283 21.16 0.13 -10.76
CA TRP B 283 20.13 0.33 -11.77
C TRP B 283 20.67 0.01 -13.16
N ARG B 284 19.86 -0.65 -14.00
CA ARG B 284 20.26 -0.98 -15.37
C ARG B 284 19.49 -0.09 -16.36
N LYS B 285 20.14 0.33 -17.47
CA LYS B 285 19.46 1.12 -18.50
C LYS B 285 18.32 0.29 -19.14
N LYS B 286 17.12 0.89 -19.31
CA LYS B 286 15.97 0.21 -19.91
C LYS B 286 16.28 -0.15 -21.37
C10 SZY C . -19.00 0.17 -17.00
C01 SZY C . -18.70 4.68 -17.71
C02 SZY C . -18.77 3.41 -16.91
C05 SZY C . -17.92 1.04 -16.95
C06 SZY C . -16.65 0.55 -16.64
C08 SZY C . -17.49 -1.54 -16.26
C09 SZY C . -18.77 -1.15 -16.62
C11 SZY C . -20.37 0.60 -17.42
N04 SZY C . -18.07 2.38 -17.42
N07 SZY C . -16.45 -0.71 -16.26
O03 SZY C . -19.39 3.35 -15.85
S SO4 D . -16.74 4.32 -14.01
O1 SO4 D . -18.13 4.38 -13.54
O2 SO4 D . -16.25 2.94 -13.98
O3 SO4 D . -16.60 4.93 -15.34
O4 SO4 D . -15.96 5.16 -13.07
S SO4 E . -9.19 3.16 9.97
O1 SO4 E . -9.24 4.58 10.36
O2 SO4 E . -10.56 2.63 9.88
O3 SO4 E . -8.44 3.04 8.71
O4 SO4 E . -8.48 2.52 11.09
C10 SZY F . 10.56 -20.30 11.04
C01 SZY F . 13.05 -17.67 13.90
C02 SZY F . 12.51 -18.20 12.60
C05 SZY F . 10.35 -19.04 11.62
C06 SZY F . 9.17 -18.37 11.35
C08 SZY F . 8.52 -19.97 9.86
C09 SZY F . 9.62 -20.75 10.12
C11 SZY F . 11.76 -21.14 11.37
N04 SZY F . 11.20 -18.57 12.65
N07 SZY F . 8.28 -18.80 10.46
O03 SZY F . 13.20 -18.26 11.60
S SO4 G . 12.37 -14.81 10.91
O1 SO4 G . 12.16 -13.37 10.75
O2 SO4 G . 11.21 -15.55 10.40
O3 SO4 G . 13.62 -15.19 10.20
O4 SO4 G . 12.55 -14.97 12.36
S SO4 H . 10.64 0.77 -8.71
O1 SO4 H . 9.69 0.58 -7.60
O2 SO4 H . 10.02 1.56 -9.78
O3 SO4 H . 11.82 1.50 -8.18
O4 SO4 H . 11.12 -0.49 -9.32
#